data_2CLC
#
_entry.id   2CLC
#
_cell.length_a   69.320
_cell.length_b   69.320
_cell.length_c   35.010
_cell.angle_alpha   90.00
_cell.angle_beta   90.00
_cell.angle_gamma   90.00
#
_symmetry.space_group_name_H-M   'P 41'
#
loop_
_entity.id
_entity.type
_entity.pdbx_description
1 polymer 'GTPASE HRAS'
2 non-polymer 'MAGNESIUM ION'
3 non-polymer "N,N'-DIMETHYL-N-(ACETYL)-N'-(7-NITROBENZ-2-OXA-1,3-DIAZOL-4-YL)ETHYLENEDIAMINE"
4 non-polymer "GUANOSINE-5'-TRIPHOSPHATE"
5 water water
#
_entity_poly.entity_id   1
_entity_poly.type   'polypeptide(L)'
_entity_poly.pdbx_seq_one_letter_code
;MTEYKLVVVGAGGVGKSALTIQLIQNHFVDECDPTIEDSYRKQVVIDGETCLLDILDTAGQEEYSAMRDQYMRTGEGFLC
VFAINNTKSFEDIHQYREQIKRVKDSDDVPMVLVGNKSDLAARTVESRQAQDLARSYGIPYIETSAKTRQGVEDAFYTLV
REIRQH
;
_entity_poly.pdbx_strand_id   X
#
# COMPACT_ATOMS: atom_id res chain seq x y z
N MET A 1 9.75 0.54 -21.98
CA MET A 1 10.00 1.37 -20.74
C MET A 1 9.83 0.55 -19.47
N THR A 2 10.65 0.82 -18.44
CA THR A 2 10.53 0.14 -17.14
C THR A 2 9.18 0.35 -16.44
N GLU A 3 8.36 -0.70 -16.45
CA GLU A 3 7.09 -0.71 -15.70
C GLU A 3 7.26 -1.34 -14.32
N TYR A 4 6.54 -0.80 -13.34
CA TYR A 4 6.49 -1.37 -11.96
C TYR A 4 5.04 -1.61 -11.59
N LYS A 5 4.71 -2.91 -11.42
CA LYS A 5 3.36 -3.35 -11.10
C LYS A 5 3.18 -3.33 -9.59
N LEU A 6 2.42 -2.35 -9.15
CA LEU A 6 2.17 -2.17 -7.75
C LEU A 6 0.70 -2.54 -7.43
N VAL A 7 0.49 -3.03 -6.20
CA VAL A 7 -0.87 -3.30 -5.72
C VAL A 7 -0.98 -2.66 -4.32
N VAL A 8 -2.12 -1.99 -4.06
CA VAL A 8 -2.35 -1.33 -2.80
C VAL A 8 -3.42 -2.14 -2.04
N VAL A 9 -3.04 -2.82 -0.96
CA VAL A 9 -3.90 -3.73 -0.20
C VAL A 9 -4.11 -3.30 1.28
N GLY A 10 -5.15 -3.81 1.92
CA GLY A 10 -5.48 -3.44 3.29
C GLY A 10 -6.97 -3.34 3.53
N ALA A 11 -7.35 -3.23 4.81
CA ALA A 11 -8.71 -3.26 5.22
C ALA A 11 -9.54 -2.12 4.65
N GLY A 12 -10.85 -2.32 4.63
CA GLY A 12 -11.75 -1.33 4.09
C GLY A 12 -11.61 0.00 4.81
N GLY A 13 -11.64 1.06 4.03
CA GLY A 13 -11.68 2.41 4.58
C GLY A 13 -10.39 3.03 5.07
N VAL A 14 -9.25 2.33 4.98
CA VAL A 14 -7.99 2.92 5.50
C VAL A 14 -7.33 4.00 4.63
N GLY A 15 -7.86 4.21 3.42
CA GLY A 15 -7.36 5.22 2.50
C GLY A 15 -6.48 4.76 1.34
N LYS A 16 -6.68 3.54 0.87
CA LYS A 16 -5.92 3.04 -0.28
C LYS A 16 -6.19 3.87 -1.52
N SER A 17 -7.45 4.25 -1.71
CA SER A 17 -7.79 4.98 -2.90
C SER A 17 -7.33 6.43 -2.80
N ALA A 18 -7.43 7.03 -1.61
CA ALA A 18 -6.95 8.39 -1.42
C ALA A 18 -5.44 8.54 -1.59
N LEU A 19 -4.69 7.52 -1.16
CA LEU A 19 -3.22 7.53 -1.37
C LEU A 19 -2.90 7.48 -2.85
N THR A 20 -3.52 6.54 -3.55
CA THR A 20 -3.25 6.32 -4.98
C THR A 20 -3.64 7.52 -5.79
N ILE A 21 -4.82 8.08 -5.55
CA ILE A 21 -5.30 9.23 -6.31
C ILE A 21 -4.43 10.45 -6.01
N GLN A 22 -4.01 10.59 -4.76
CA GLN A 22 -3.10 11.69 -4.44
C GLN A 22 -1.81 11.52 -5.26
N LEU A 23 -1.44 10.27 -5.52
CA LEU A 23 -0.27 9.99 -6.38
C LEU A 23 -0.61 10.24 -7.86
N ILE A 24 -1.66 9.62 -8.36
CA ILE A 24 -1.95 9.73 -9.80
C ILE A 24 -2.18 11.19 -10.17
N GLN A 25 -2.96 11.91 -9.35
CA GLN A 25 -3.63 13.15 -9.78
C GLN A 25 -3.37 14.36 -8.89
N ASN A 26 -2.79 14.11 -7.72
CA ASN A 26 -2.33 15.20 -6.87
C ASN A 26 -3.48 15.99 -6.23
N HIS A 27 -4.55 15.29 -5.86
CA HIS A 27 -5.60 15.89 -5.03
C HIS A 27 -6.18 14.85 -4.07
N PHE A 28 -6.97 15.32 -3.10
CA PHE A 28 -7.49 14.46 -2.04
C PHE A 28 -8.95 14.07 -2.27
N VAL A 29 -9.22 12.76 -2.30
CA VAL A 29 -10.61 12.33 -2.42
C VAL A 29 -11.25 12.19 -1.03
N ASP A 30 -12.48 12.66 -0.93
CA ASP A 30 -13.24 12.54 0.32
C ASP A 30 -14.71 12.32 -0.01
N GLU A 31 -15.00 11.13 -0.52
CA GLU A 31 -16.38 10.67 -0.73
C GLU A 31 -16.54 9.21 -0.31
N CYS A 32 -17.79 8.76 -0.20
CA CYS A 32 -18.10 7.37 0.15
C CYS A 32 -18.16 6.52 -1.09
N ASP A 33 -17.12 5.71 -1.31
CA ASP A 33 -17.05 4.84 -2.49
C ASP A 33 -16.41 3.48 -2.20
N PRO A 34 -17.23 2.44 -2.00
CA PRO A 34 -16.76 1.07 -1.79
C PRO A 34 -16.04 0.50 -3.03
N THR A 35 -14.75 0.81 -3.18
CA THR A 35 -14.00 0.33 -4.33
C THR A 35 -14.35 -1.13 -4.62
N ILE A 36 -14.20 -1.52 -5.89
CA ILE A 36 -14.18 -2.94 -6.26
C ILE A 36 -12.73 -3.23 -6.64
N GLU A 37 -12.37 -2.83 -7.85
CA GLU A 37 -10.96 -2.64 -8.20
C GLU A 37 -10.92 -1.64 -9.35
N ASP A 38 -9.76 -1.05 -9.54
CA ASP A 38 -9.55 -0.03 -10.55
C ASP A 38 -8.04 0.17 -10.63
N SER A 39 -7.52 0.31 -11.84
CA SER A 39 -6.06 0.48 -12.04
C SER A 39 -5.71 1.85 -12.66
N TYR A 40 -4.57 2.40 -12.21
CA TYR A 40 -4.08 3.73 -12.58
C TYR A 40 -2.73 3.47 -13.28
N ARG A 41 -2.41 4.26 -14.31
CA ARG A 41 -1.09 4.21 -15.00
C ARG A 41 -0.51 5.65 -15.10
N LYS A 42 0.68 5.91 -14.55
CA LYS A 42 1.34 7.22 -14.71
C LYS A 42 2.83 7.06 -14.84
N GLN A 43 3.39 7.85 -15.75
CA GLN A 43 4.80 7.90 -16.05
C GLN A 43 5.42 8.95 -15.15
N VAL A 44 6.30 8.48 -14.27
CA VAL A 44 6.96 9.40 -13.31
C VAL A 44 8.48 9.14 -13.32
N VAL A 45 9.22 10.01 -12.66
CA VAL A 45 10.67 9.84 -12.64
C VAL A 45 11.09 9.48 -11.24
N ILE A 46 11.95 8.47 -11.14
CA ILE A 46 12.42 7.96 -9.85
C ILE A 46 13.92 7.67 -9.92
N ASP A 47 14.65 8.46 -9.15
CA ASP A 47 16.12 8.36 -9.12
C ASP A 47 16.76 8.38 -10.50
N GLY A 48 16.26 9.22 -11.37
CA GLY A 48 16.82 9.33 -12.71
C GLY A 48 16.26 8.29 -13.69
N GLU A 49 15.42 7.38 -13.23
CA GLU A 49 14.86 6.38 -14.12
C GLU A 49 13.46 6.83 -14.51
N THR A 50 13.26 7.11 -15.80
CA THR A 50 11.93 7.38 -16.30
C THR A 50 11.29 6.02 -16.45
N CYS A 51 10.11 5.86 -15.83
CA CYS A 51 9.42 4.58 -15.79
C CYS A 51 7.92 4.77 -15.71
N LEU A 52 7.19 3.65 -15.74
CA LEU A 52 5.72 3.65 -15.72
C LEU A 52 5.23 2.90 -14.45
N LEU A 53 4.28 3.49 -13.75
CA LEU A 53 3.70 2.82 -12.58
C LEU A 53 2.36 2.28 -13.04
N ASP A 54 2.15 1.01 -12.75
CA ASP A 54 0.88 0.35 -13.01
C ASP A 54 0.27 -0.08 -11.67
N ILE A 55 -0.71 0.69 -11.20
CA ILE A 55 -1.16 0.59 -9.81
C ILE A 55 -2.56 0.01 -9.76
N LEU A 56 -2.71 -1.07 -8.99
CA LEU A 56 -3.99 -1.70 -8.77
C LEU A 56 -4.48 -1.37 -7.38
N ASP A 57 -5.60 -0.65 -7.32
CA ASP A 57 -6.18 -0.20 -6.07
C ASP A 57 -7.32 -1.12 -5.65
N THR A 58 -7.08 -2.01 -4.70
CA THR A 58 -8.06 -3.06 -4.38
C THR A 58 -9.16 -2.64 -3.43
N ALA A 59 -10.23 -3.44 -3.43
CA ALA A 59 -11.24 -3.41 -2.35
C ALA A 59 -10.72 -3.89 -0.97
N GLY A 60 -11.18 -3.24 0.10
CA GLY A 60 -10.96 -3.72 1.45
C GLY A 60 -12.09 -4.63 1.86
N GLN A 61 -12.03 -5.88 1.39
CA GLN A 61 -13.09 -6.88 1.67
C GLN A 61 -12.86 -7.54 3.02
N GLU A 62 -13.89 -8.14 3.60
CA GLU A 62 -13.69 -8.87 4.86
C GLU A 62 -13.62 -10.37 4.57
N GLU A 63 -13.79 -10.74 3.30
CA GLU A 63 -13.77 -12.13 2.87
C GLU A 63 -12.63 -12.38 1.88
N TYR A 64 -11.91 -13.49 2.04
CA TYR A 64 -10.93 -13.87 1.04
C TYR A 64 -11.64 -14.42 -0.20
N SER A 65 -11.05 -14.20 -1.37
CA SER A 65 -11.59 -14.84 -2.57
C SER A 65 -10.58 -15.06 -3.69
N ALA A 66 -10.81 -16.12 -4.45
CA ALA A 66 -10.03 -16.41 -5.63
C ALA A 66 -10.05 -15.21 -6.59
N MET A 67 -11.19 -14.57 -6.74
CA MET A 67 -11.21 -13.41 -7.64
C MET A 67 -10.18 -12.36 -7.23
N ARG A 68 -10.11 -12.11 -5.95
CA ARG A 68 -9.12 -11.19 -5.42
C ARG A 68 -7.71 -11.66 -5.82
N ASP A 69 -7.40 -12.93 -5.55
CA ASP A 69 -6.16 -13.60 -6.01
C ASP A 69 -5.91 -13.27 -7.51
N GLN A 70 -6.95 -13.43 -8.34
CA GLN A 70 -6.83 -13.27 -9.81
C GLN A 70 -6.29 -11.86 -10.11
N TYR A 71 -6.88 -10.88 -9.46
CA TYR A 71 -6.38 -9.51 -9.54
C TYR A 71 -4.97 -9.35 -8.95
N MET A 72 -4.76 -9.87 -7.75
CA MET A 72 -3.48 -9.67 -7.03
C MET A 72 -2.22 -10.30 -7.69
N ARG A 73 -2.38 -11.40 -8.40
CA ARG A 73 -1.23 -12.23 -8.77
C ARG A 73 -0.33 -11.53 -9.77
N THR A 74 -0.89 -10.53 -10.44
CA THR A 74 -0.17 -9.75 -11.47
C THR A 74 0.81 -8.73 -10.85
N GLY A 75 0.55 -8.37 -9.62
CA GLY A 75 1.39 -7.38 -8.96
C GLY A 75 2.81 -7.85 -8.75
N GLU A 76 3.74 -6.88 -8.76
CA GLU A 76 5.15 -7.09 -8.43
C GLU A 76 5.47 -6.71 -6.99
N GLY A 77 4.82 -5.65 -6.53
CA GLY A 77 5.13 -4.97 -5.28
C GLY A 77 3.85 -4.47 -4.60
N PHE A 78 3.76 -4.60 -3.28
CA PHE A 78 2.53 -4.36 -2.56
C PHE A 78 2.72 -3.27 -1.55
N LEU A 79 1.80 -2.32 -1.58
CA LEU A 79 1.70 -1.32 -0.60
C LEU A 79 0.63 -1.74 0.43
N CYS A 80 1.05 -2.09 1.64
CA CYS A 80 0.17 -2.66 2.66
C CYS A 80 -0.22 -1.56 3.64
N VAL A 81 -1.46 -1.09 3.53
CA VAL A 81 -1.88 0.15 4.17
C VAL A 81 -2.78 -0.16 5.38
N PHE A 82 -2.55 0.55 6.51
CA PHE A 82 -3.57 0.55 7.59
C PHE A 82 -3.80 2.00 7.91
N ALA A 83 -4.79 2.32 8.76
CA ALA A 83 -4.98 3.70 9.27
C ALA A 83 -4.54 3.77 10.74
N ILE A 84 -3.77 4.79 11.16
CA ILE A 84 -3.17 4.79 12.53
C ILE A 84 -4.21 4.96 13.64
N ASN A 85 -5.48 5.17 13.27
CA ASN A 85 -6.58 5.33 14.24
C ASN A 85 -7.58 4.17 14.20
N ASN A 86 -7.17 3.08 13.53
CA ASN A 86 -7.98 1.89 13.32
C ASN A 86 -7.16 0.66 13.70
N THR A 87 -7.28 0.24 14.95
CA THR A 87 -6.47 -0.88 15.45
C THR A 87 -6.74 -2.16 14.65
N LYS A 88 -8.00 -2.45 14.37
CA LYS A 88 -8.30 -3.61 13.55
C LYS A 88 -7.52 -3.63 12.21
N SER A 89 -7.42 -2.50 11.52
CA SER A 89 -6.69 -2.45 10.23
C SER A 89 -5.22 -2.81 10.38
N PHE A 90 -4.67 -2.50 11.56
CA PHE A 90 -3.27 -2.82 11.90
C PHE A 90 -3.16 -4.33 12.20
N GLU A 91 -4.13 -4.92 12.90
CA GLU A 91 -4.01 -6.36 13.19
C GLU A 91 -4.07 -7.12 11.85
N ASP A 92 -4.82 -6.58 10.88
CA ASP A 92 -5.09 -7.25 9.61
C ASP A 92 -3.83 -7.34 8.74
N ILE A 93 -2.86 -6.43 8.97
CA ILE A 93 -1.64 -6.45 8.17
C ILE A 93 -1.03 -7.85 8.17
N HIS A 94 -1.05 -8.59 9.30
CA HIS A 94 -0.48 -9.95 9.30
C HIS A 94 -1.16 -10.83 8.23
N GLN A 95 -2.46 -10.73 8.11
CA GLN A 95 -3.26 -11.56 7.18
C GLN A 95 -3.00 -11.22 5.71
N TYR A 96 -2.82 -9.93 5.44
CA TYR A 96 -2.47 -9.48 4.08
C TYR A 96 -1.11 -10.02 3.74
N ARG A 97 -0.15 -9.70 4.61
CA ARG A 97 1.20 -10.26 4.43
C ARG A 97 1.08 -11.71 4.02
N GLU A 98 0.43 -12.54 4.84
CA GLU A 98 0.33 -13.95 4.58
C GLU A 98 -0.31 -14.18 3.23
N GLN A 99 -1.37 -13.46 2.94
CA GLN A 99 -2.10 -13.65 1.67
C GLN A 99 -1.26 -13.28 0.45
N ILE A 100 -0.50 -12.20 0.58
CA ILE A 100 0.38 -11.79 -0.51
C ILE A 100 1.40 -12.92 -0.81
N LYS A 101 2.01 -13.46 0.26
CA LYS A 101 3.07 -14.45 0.11
C LYS A 101 2.52 -15.69 -0.56
N ARG A 102 1.32 -16.08 -0.17
CA ARG A 102 0.69 -17.27 -0.71
C ARG A 102 0.35 -17.05 -2.18
N VAL A 103 -0.11 -15.85 -2.49
CA VAL A 103 -0.54 -15.58 -3.85
C VAL A 103 0.67 -15.50 -4.81
N LYS A 104 1.78 -14.92 -4.35
CA LYS A 104 2.98 -14.80 -5.20
C LYS A 104 3.88 -16.05 -5.10
N ASP A 105 3.45 -17.03 -4.33
CA ASP A 105 4.24 -18.23 -4.07
C ASP A 105 5.70 -17.90 -3.79
N SER A 106 5.90 -17.02 -2.80
CA SER A 106 7.24 -16.54 -2.49
C SER A 106 7.31 -16.07 -1.05
N ASP A 107 8.48 -16.28 -0.44
CA ASP A 107 8.76 -15.86 0.93
C ASP A 107 9.32 -14.43 1.06
N ASP A 108 9.71 -13.84 -0.07
CA ASP A 108 10.28 -12.50 -0.10
C ASP A 108 9.62 -11.81 -1.29
N VAL A 109 8.51 -11.13 -1.02
CA VAL A 109 7.80 -10.31 -2.02
C VAL A 109 8.07 -8.83 -1.66
N PRO A 110 8.36 -7.96 -2.65
CA PRO A 110 8.52 -6.52 -2.36
C PRO A 110 7.28 -5.91 -1.76
N MET A 111 7.47 -5.24 -0.65
CA MET A 111 6.37 -4.88 0.21
C MET A 111 6.84 -3.79 1.12
N VAL A 112 5.89 -2.91 1.43
CA VAL A 112 6.16 -1.82 2.31
C VAL A 112 4.93 -1.65 3.19
N LEU A 113 5.13 -1.22 4.43
CA LEU A 113 4.02 -0.98 5.31
C LEU A 113 3.71 0.48 5.30
N VAL A 114 2.44 0.85 5.26
CA VAL A 114 2.02 2.24 5.42
C VAL A 114 0.98 2.47 6.56
N GLY A 115 1.24 3.53 7.35
CA GLY A 115 0.25 3.98 8.33
C GLY A 115 -0.29 5.31 7.89
N ASN A 116 -1.51 5.29 7.39
CA ASN A 116 -2.15 6.42 6.77
C ASN A 116 -3.01 7.18 7.78
N LYS A 117 -3.38 8.37 7.37
CA LYS A 117 -4.18 9.33 8.14
C LYS A 117 -3.33 10.04 9.21
N SER A 118 -2.08 10.33 8.89
CA SER A 118 -1.16 10.91 9.85
C SER A 118 -1.57 12.31 10.23
N ASP A 119 -2.51 12.85 9.49
CA ASP A 119 -3.05 14.15 9.82
C ASP A 119 -3.95 14.09 11.05
N LEU A 120 -4.60 12.93 11.23
CA LEU A 120 -5.54 12.80 12.35
C LEU A 120 -4.81 12.56 13.64
N ALA A 121 -5.31 13.22 14.69
CA ALA A 121 -4.76 13.02 16.01
C ALA A 121 -5.37 11.89 16.80
N ALA A 122 -5.01 11.83 18.07
CA ALA A 122 -5.43 10.76 18.99
C ALA A 122 -5.29 9.36 18.36
N ARG A 123 -4.11 9.06 17.87
CA ARG A 123 -3.87 7.77 17.22
C ARG A 123 -4.06 6.60 18.19
N THR A 124 -4.43 5.47 17.61
CA THR A 124 -4.61 4.24 18.38
C THR A 124 -3.47 3.23 18.12
N VAL A 125 -2.60 3.50 17.13
CA VAL A 125 -1.42 2.66 16.87
C VAL A 125 -0.18 3.53 16.95
N GLU A 126 0.67 3.27 17.95
CA GLU A 126 1.86 4.06 18.13
C GLU A 126 2.84 3.74 17.01
N SER A 127 3.59 4.74 16.62
CA SER A 127 4.50 4.55 15.55
C SER A 127 5.51 3.46 15.87
N ARG A 128 5.98 3.46 17.12
CA ARG A 128 7.02 2.52 17.53
C ARG A 128 6.63 1.07 17.21
N GLN A 129 5.39 0.68 17.49
CA GLN A 129 4.95 -0.69 17.27
C GLN A 129 4.88 -1.00 15.79
N ALA A 130 4.41 -0.04 15.02
CA ALA A 130 4.32 -0.25 13.57
C ALA A 130 5.71 -0.36 12.94
N GLN A 131 6.64 0.50 13.35
CA GLN A 131 8.03 0.41 12.89
C GLN A 131 8.57 -0.96 13.26
N ASP A 132 8.27 -1.42 14.48
CA ASP A 132 8.73 -2.75 14.92
C ASP A 132 8.14 -3.87 14.08
N LEU A 133 6.85 -3.77 13.76
CA LEU A 133 6.23 -4.77 12.90
C LEU A 133 7.03 -4.95 11.60
N ALA A 134 7.09 -3.86 10.81
CA ALA A 134 7.90 -3.80 9.58
C ALA A 134 9.28 -4.43 9.72
N ARG A 135 9.99 -4.08 10.81
CA ARG A 135 11.35 -4.61 11.09
C ARG A 135 11.37 -6.11 11.39
N SER A 136 10.39 -6.61 12.19
CA SER A 136 10.29 -8.06 12.38
C SER A 136 9.95 -8.80 11.07
N TYR A 137 9.37 -8.08 10.10
CA TYR A 137 9.06 -8.61 8.77
C TYR A 137 10.20 -8.40 7.78
N GLY A 138 11.17 -7.56 8.14
CA GLY A 138 12.25 -7.21 7.19
C GLY A 138 11.91 -6.18 6.13
N ILE A 139 10.91 -5.35 6.35
CA ILE A 139 10.49 -4.44 5.28
C ILE A 139 10.48 -3.02 5.82
N PRO A 140 10.47 -2.02 4.92
CA PRO A 140 10.37 -0.64 5.32
C PRO A 140 9.00 -0.24 5.83
N TYR A 141 8.94 0.91 6.48
CA TYR A 141 7.72 1.46 7.01
C TYR A 141 7.70 2.90 6.64
N ILE A 142 6.61 3.36 6.08
CA ILE A 142 6.44 4.77 5.86
C ILE A 142 5.11 5.21 6.47
N GLU A 143 5.13 6.41 7.06
CA GLU A 143 3.88 7.03 7.50
C GLU A 143 3.43 8.09 6.50
N THR A 144 2.11 8.30 6.39
CA THR A 144 1.48 9.08 5.30
C THR A 144 0.13 9.73 5.64
N SER A 145 -0.20 10.77 4.87
CA SER A 145 -1.55 11.32 4.81
C SER A 145 -1.98 11.55 3.36
N ALA A 146 -3.02 10.89 2.92
CA ALA A 146 -3.59 11.25 1.66
C ALA A 146 -4.08 12.71 1.71
N LYS A 147 -4.36 13.26 2.89
CA LYS A 147 -4.90 14.63 2.98
C LYS A 147 -3.86 15.72 2.75
N THR A 148 -2.76 15.66 3.52
CA THR A 148 -1.68 16.65 3.40
C THR A 148 -0.67 16.30 2.29
N ARG A 149 -0.71 15.04 1.86
CA ARG A 149 0.24 14.45 0.89
C ARG A 149 1.57 14.05 1.55
N GLN A 150 1.79 14.43 2.82
CA GLN A 150 3.03 14.04 3.49
C GLN A 150 3.27 12.54 3.38
N GLY A 151 4.45 12.19 2.88
CA GLY A 151 4.97 10.84 2.89
C GLY A 151 4.49 10.00 1.72
N VAL A 152 3.60 10.56 0.90
CA VAL A 152 2.90 9.73 -0.13
C VAL A 152 3.81 9.29 -1.27
N GLU A 153 4.67 10.22 -1.72
CA GLU A 153 5.68 9.84 -2.71
C GLU A 153 6.72 8.89 -2.09
N ASP A 154 7.05 9.10 -0.83
CA ASP A 154 8.01 8.22 -0.15
C ASP A 154 7.49 6.79 -0.05
N ALA A 155 6.23 6.63 0.29
CA ALA A 155 5.71 5.27 0.42
C ALA A 155 5.74 4.52 -0.92
N PHE A 156 5.32 5.18 -1.99
CA PHE A 156 5.24 4.52 -3.28
C PHE A 156 6.61 4.37 -3.96
N TYR A 157 7.34 5.50 -4.02
CA TYR A 157 8.66 5.46 -4.64
C TYR A 157 9.51 4.45 -3.89
N THR A 158 9.29 4.36 -2.59
CA THR A 158 10.02 3.39 -1.75
C THR A 158 9.69 1.96 -2.22
N LEU A 159 8.42 1.65 -2.49
CA LEU A 159 8.09 0.26 -2.87
C LEU A 159 8.83 -0.09 -4.15
N VAL A 160 8.96 0.88 -5.06
CA VAL A 160 9.70 0.69 -6.30
C VAL A 160 11.13 0.25 -6.01
N ARG A 161 11.76 0.94 -5.06
CA ARG A 161 13.13 0.55 -4.70
C ARG A 161 13.23 -0.84 -4.09
N GLU A 162 12.20 -1.26 -3.37
CA GLU A 162 12.11 -2.67 -2.98
C GLU A 162 11.90 -3.59 -4.20
N ILE A 163 11.11 -3.16 -5.19
CA ILE A 163 10.98 -3.96 -6.40
C ILE A 163 12.34 -4.08 -7.12
N ARG A 164 13.03 -2.96 -7.27
CA ARG A 164 14.31 -3.00 -7.94
C ARG A 164 15.32 -3.92 -7.24
N GLN A 165 15.19 -4.03 -5.92
CA GLN A 165 16.22 -4.71 -5.08
C GLN A 165 15.88 -6.19 -4.74
N HIS A 166 14.72 -6.66 -5.20
CA HIS A 166 14.46 -8.10 -5.13
C HIS A 166 14.56 -8.69 -6.54
N MET A 1 11.62 0.71 -21.50
CA MET A 1 11.19 1.44 -20.27
C MET A 1 10.50 0.48 -19.34
N THR A 2 10.87 0.58 -18.08
CA THR A 2 10.41 -0.34 -17.09
C THR A 2 9.06 0.09 -16.57
N GLU A 3 8.22 -0.91 -16.40
CA GLU A 3 6.93 -0.75 -15.78
C GLU A 3 6.97 -1.48 -14.44
N TYR A 4 6.52 -0.80 -13.38
CA TYR A 4 6.41 -1.36 -12.01
C TYR A 4 4.91 -1.61 -11.80
N LYS A 5 4.48 -2.85 -11.51
CA LYS A 5 3.05 -3.15 -11.23
C LYS A 5 2.83 -3.21 -9.71
N LEU A 6 2.21 -2.16 -9.15
CA LEU A 6 2.03 -1.99 -7.69
C LEU A 6 0.61 -2.32 -7.27
N VAL A 7 0.48 -2.95 -6.10
CA VAL A 7 -0.82 -3.41 -5.62
C VAL A 7 -1.07 -2.89 -4.22
N VAL A 8 -2.18 -2.15 -4.03
CA VAL A 8 -2.50 -1.54 -2.74
C VAL A 8 -3.58 -2.38 -2.08
N VAL A 9 -3.28 -2.80 -0.86
CA VAL A 9 -4.19 -3.53 -0.03
C VAL A 9 -4.28 -2.88 1.36
N GLY A 10 -5.30 -3.29 2.06
CA GLY A 10 -5.61 -2.82 3.38
C GLY A 10 -7.10 -2.88 3.68
N ALA A 11 -7.42 -2.85 4.97
CA ALA A 11 -8.79 -2.88 5.48
C ALA A 11 -9.69 -1.77 4.94
N GLY A 12 -10.98 -1.95 5.20
CA GLY A 12 -11.96 -0.93 4.86
C GLY A 12 -11.60 0.44 5.38
N GLY A 13 -11.53 1.40 4.46
CA GLY A 13 -11.40 2.83 4.77
C GLY A 13 -10.05 3.32 5.28
N VAL A 14 -9.00 2.50 5.09
CA VAL A 14 -7.66 2.88 5.58
C VAL A 14 -7.04 4.01 4.77
N GLY A 15 -7.48 4.08 3.51
CA GLY A 15 -7.03 5.09 2.56
C GLY A 15 -6.42 4.55 1.28
N LYS A 16 -6.74 3.31 0.86
CA LYS A 16 -6.14 2.75 -0.36
C LYS A 16 -6.44 3.64 -1.57
N SER A 17 -7.71 3.79 -1.91
CA SER A 17 -8.09 4.66 -3.00
C SER A 17 -7.54 6.10 -2.81
N ALA A 18 -7.75 6.70 -1.64
CA ALA A 18 -7.30 8.08 -1.42
C ALA A 18 -5.82 8.25 -1.73
N LEU A 19 -5.00 7.32 -1.26
CA LEU A 19 -3.57 7.35 -1.55
C LEU A 19 -3.28 7.29 -3.03
N THR A 20 -3.97 6.37 -3.71
CA THR A 20 -3.75 6.17 -5.17
C THR A 20 -4.15 7.42 -5.96
N ILE A 21 -5.30 7.98 -5.63
CA ILE A 21 -5.79 9.15 -6.34
C ILE A 21 -4.88 10.38 -6.06
N GLN A 22 -4.36 10.51 -4.84
CA GLN A 22 -3.39 11.60 -4.55
C GLN A 22 -2.13 11.48 -5.42
N LEU A 23 -1.39 10.37 -5.28
CA LEU A 23 -0.12 10.21 -5.98
C LEU A 23 -0.25 10.57 -7.47
N ILE A 24 -1.36 10.11 -8.09
CA ILE A 24 -1.56 10.15 -9.57
C ILE A 24 -2.35 11.36 -10.10
N GLN A 25 -3.43 11.76 -9.41
CA GLN A 25 -4.30 12.86 -9.87
C GLN A 25 -4.13 14.15 -9.06
N ASN A 26 -3.29 14.08 -8.02
CA ASN A 26 -2.98 15.23 -7.15
C ASN A 26 -4.19 15.90 -6.52
N HIS A 27 -5.15 15.09 -6.10
CA HIS A 27 -6.28 15.60 -5.34
C HIS A 27 -6.71 14.62 -4.28
N PHE A 28 -7.38 15.12 -3.25
CA PHE A 28 -7.79 14.32 -2.10
C PHE A 28 -9.28 14.01 -2.14
N VAL A 29 -9.63 12.73 -2.19
CA VAL A 29 -11.05 12.39 -2.24
C VAL A 29 -11.57 11.99 -0.86
N ASP A 30 -12.72 12.55 -0.50
CA ASP A 30 -13.41 12.21 0.76
C ASP A 30 -14.86 11.84 0.50
N GLU A 31 -15.04 10.55 0.24
CA GLU A 31 -16.35 10.02 -0.07
C GLU A 31 -16.44 8.62 0.51
N CYS A 32 -17.63 8.04 0.44
CA CYS A 32 -17.77 6.64 0.79
C CYS A 32 -18.09 5.87 -0.45
N ASP A 33 -17.04 5.46 -1.16
CA ASP A 33 -17.21 4.68 -2.37
C ASP A 33 -16.26 3.49 -2.38
N PRO A 34 -16.64 2.44 -1.65
CA PRO A 34 -15.88 1.20 -1.57
C PRO A 34 -15.46 0.71 -2.95
N THR A 35 -14.23 0.24 -3.02
CA THR A 35 -13.61 -0.13 -4.28
C THR A 35 -13.92 -1.63 -4.58
N ILE A 36 -14.21 -1.93 -5.85
CA ILE A 36 -14.31 -3.33 -6.31
C ILE A 36 -12.97 -3.76 -6.92
N GLU A 37 -12.47 -2.97 -7.88
CA GLU A 37 -11.09 -3.07 -8.36
C GLU A 37 -10.81 -2.00 -9.43
N ASP A 38 -9.86 -1.11 -9.12
CA ASP A 38 -9.51 0.04 -9.99
C ASP A 38 -8.03 0.01 -10.39
N SER A 39 -7.74 0.60 -11.54
CA SER A 39 -6.44 0.52 -12.21
C SER A 39 -5.97 1.94 -12.63
N TYR A 40 -4.69 2.24 -12.50
CA TYR A 40 -4.20 3.59 -12.81
C TYR A 40 -2.74 3.58 -13.14
N ARG A 41 -2.39 4.25 -14.23
CA ARG A 41 -1.00 4.27 -14.66
C ARG A 41 -0.47 5.69 -14.68
N LYS A 42 0.84 5.80 -14.49
CA LYS A 42 1.49 7.08 -14.44
C LYS A 42 2.95 6.98 -14.84
N GLN A 43 3.37 7.89 -15.70
CA GLN A 43 4.76 7.99 -16.04
C GLN A 43 5.41 8.94 -15.04
N VAL A 44 6.60 8.53 -14.58
CA VAL A 44 7.31 9.25 -13.49
C VAL A 44 8.84 9.16 -13.71
N VAL A 45 9.60 10.01 -13.01
CA VAL A 45 11.04 9.84 -12.82
C VAL A 45 11.30 9.62 -11.29
N ILE A 46 11.64 8.39 -10.91
CA ILE A 46 12.01 8.00 -9.55
C ILE A 46 13.53 7.74 -9.48
N ASP A 47 14.23 8.55 -8.69
CA ASP A 47 15.71 8.44 -8.58
C ASP A 47 16.35 8.51 -9.97
N GLY A 48 15.86 9.43 -10.80
CA GLY A 48 16.45 9.68 -12.12
C GLY A 48 15.86 8.82 -13.25
N GLU A 49 15.15 7.74 -12.90
CA GLU A 49 14.66 6.75 -13.87
C GLU A 49 13.22 7.10 -14.30
N THR A 50 12.99 7.06 -15.60
CA THR A 50 11.63 7.24 -16.07
C THR A 50 10.92 5.88 -16.00
N CYS A 51 9.82 5.84 -15.27
CA CYS A 51 9.09 4.60 -15.16
C CYS A 51 7.59 4.78 -15.21
N LEU A 52 6.95 3.66 -15.51
CA LEU A 52 5.51 3.61 -15.61
C LEU A 52 4.98 2.76 -14.49
N LEU A 53 4.34 3.43 -13.54
CA LEU A 53 3.67 2.80 -12.40
C LEU A 53 2.26 2.46 -12.80
N ASP A 54 1.91 1.19 -12.65
CA ASP A 54 0.54 0.72 -12.84
C ASP A 54 0.16 0.33 -11.42
N ILE A 55 -0.87 0.99 -10.92
CA ILE A 55 -1.32 0.80 -9.55
C ILE A 55 -2.70 0.19 -9.51
N LEU A 56 -2.80 -1.03 -8.93
CA LEU A 56 -4.08 -1.67 -8.68
C LEU A 56 -4.57 -1.30 -7.31
N ASP A 57 -5.78 -0.78 -7.31
CA ASP A 57 -6.47 -0.35 -6.12
C ASP A 57 -7.45 -1.47 -5.84
N THR A 58 -7.40 -2.03 -4.63
CA THR A 58 -8.13 -3.27 -4.33
C THR A 58 -9.23 -3.06 -3.29
N ALA A 59 -9.98 -4.14 -3.01
CA ALA A 59 -11.22 -4.05 -2.21
C ALA A 59 -11.07 -4.00 -0.68
N GLY A 60 -10.16 -4.77 -0.13
CA GLY A 60 -9.93 -4.73 1.33
C GLY A 60 -9.70 -6.13 1.81
N GLN A 61 -10.74 -6.76 2.36
CA GLN A 61 -10.75 -8.22 2.55
C GLN A 61 -11.21 -8.66 3.93
N GLU A 62 -12.34 -9.38 3.97
CA GLU A 62 -12.66 -10.17 5.13
C GLU A 62 -11.82 -11.43 5.00
N GLU A 63 -11.52 -11.79 3.75
CA GLU A 63 -10.97 -13.10 3.43
C GLU A 63 -10.40 -13.20 2.00
N TYR A 64 -9.43 -14.09 1.85
CA TYR A 64 -8.95 -14.57 0.57
C TYR A 64 -10.10 -15.00 -0.36
N SER A 65 -9.89 -14.78 -1.66
CA SER A 65 -10.83 -15.19 -2.72
C SER A 65 -10.06 -15.37 -4.03
N ALA A 66 -10.74 -15.84 -5.06
CA ALA A 66 -10.09 -16.04 -6.36
C ALA A 66 -9.73 -14.73 -7.05
N MET A 67 -10.44 -13.64 -6.74
CA MET A 67 -10.08 -12.31 -7.25
C MET A 67 -8.68 -11.95 -6.79
N ARG A 68 -8.43 -12.23 -5.52
CA ARG A 68 -7.27 -11.74 -4.81
C ARG A 68 -6.01 -12.55 -5.08
N ASP A 69 -6.15 -13.89 -5.05
CA ASP A 69 -5.12 -14.81 -5.50
C ASP A 69 -4.49 -14.23 -6.77
N GLN A 70 -5.34 -13.87 -7.72
CA GLN A 70 -4.86 -13.50 -9.04
C GLN A 70 -4.01 -12.22 -9.02
N TYR A 71 -4.51 -11.15 -8.41
CA TYR A 71 -3.67 -9.92 -8.43
C TYR A 71 -2.37 -10.10 -7.64
N MET A 72 -2.37 -11.00 -6.65
CA MET A 72 -1.17 -11.19 -5.83
C MET A 72 -0.10 -11.90 -6.63
N ARG A 73 -0.52 -12.67 -7.62
CA ARG A 73 0.46 -13.42 -8.38
C ARG A 73 1.14 -12.52 -9.42
N THR A 74 0.40 -11.65 -10.08
CA THR A 74 1.00 -10.73 -11.08
C THR A 74 1.68 -9.47 -10.48
N GLY A 75 1.22 -9.03 -9.32
CA GLY A 75 1.79 -7.83 -8.71
C GLY A 75 3.24 -8.06 -8.32
N GLU A 76 4.06 -7.03 -8.53
CA GLU A 76 5.50 -7.12 -8.27
C GLU A 76 5.93 -6.55 -6.89
N GLY A 77 5.11 -5.65 -6.35
CA GLY A 77 5.27 -5.27 -4.96
C GLY A 77 3.92 -4.83 -4.40
N PHE A 78 3.85 -4.81 -3.06
CA PHE A 78 2.63 -4.62 -2.31
C PHE A 78 2.71 -3.57 -1.25
N LEU A 79 1.79 -2.59 -1.28
CA LEU A 79 1.67 -1.63 -0.16
C LEU A 79 0.61 -2.17 0.76
N CYS A 80 0.98 -2.52 1.99
CA CYS A 80 0.06 -3.03 3.02
C CYS A 80 -0.26 -1.90 3.96
N VAL A 81 -1.48 -1.38 3.81
CA VAL A 81 -1.90 -0.17 4.46
C VAL A 81 -2.82 -0.46 5.64
N PHE A 82 -2.45 0.20 6.75
CA PHE A 82 -3.34 0.36 7.85
C PHE A 82 -3.56 1.84 8.21
N ALA A 83 -4.56 2.08 9.03
CA ALA A 83 -4.81 3.44 9.51
C ALA A 83 -4.39 3.57 10.97
N ILE A 84 -3.71 4.69 11.26
CA ILE A 84 -3.12 4.98 12.57
C ILE A 84 -4.21 5.20 13.63
N ASN A 85 -5.45 5.41 13.19
CA ASN A 85 -6.61 5.53 14.09
C ASN A 85 -7.53 4.30 14.03
N ASN A 86 -6.95 3.14 13.71
CA ASN A 86 -7.75 1.90 13.62
C ASN A 86 -6.89 0.66 13.89
N THR A 87 -6.88 0.23 15.14
CA THR A 87 -5.99 -0.86 15.56
C THR A 87 -6.31 -2.18 14.89
N LYS A 88 -7.58 -2.44 14.64
CA LYS A 88 -7.94 -3.67 13.96
C LYS A 88 -7.31 -3.72 12.58
N SER A 89 -7.33 -2.58 11.91
CA SER A 89 -6.77 -2.52 10.57
C SER A 89 -5.29 -2.88 10.62
N PHE A 90 -4.59 -2.33 11.61
CA PHE A 90 -3.18 -2.64 11.82
C PHE A 90 -2.98 -4.14 12.08
N GLU A 91 -3.71 -4.67 13.05
CA GLU A 91 -3.66 -6.13 13.28
C GLU A 91 -3.99 -7.02 12.09
N ASP A 92 -4.94 -6.62 11.25
CA ASP A 92 -5.26 -7.36 10.01
C ASP A 92 -4.06 -7.45 9.04
N ILE A 93 -3.05 -6.61 9.24
CA ILE A 93 -1.82 -6.65 8.43
C ILE A 93 -1.21 -8.05 8.40
N HIS A 94 -1.21 -8.72 9.54
CA HIS A 94 -0.60 -10.03 9.61
C HIS A 94 -1.22 -10.94 8.53
N GLN A 95 -2.54 -10.93 8.41
CA GLN A 95 -3.18 -11.75 7.36
C GLN A 95 -2.86 -11.26 5.92
N TYR A 96 -2.92 -9.96 5.70
CA TYR A 96 -2.64 -9.45 4.33
C TYR A 96 -1.24 -9.88 3.86
N ARG A 97 -0.25 -9.91 4.76
CA ARG A 97 1.12 -10.31 4.38
C ARG A 97 1.26 -11.81 4.19
N GLU A 98 0.54 -12.58 4.99
CA GLU A 98 0.73 -14.00 4.93
C GLU A 98 0.08 -14.54 3.68
N GLN A 99 -1.01 -13.92 3.25
CA GLN A 99 -1.65 -14.32 1.99
C GLN A 99 -0.71 -14.08 0.82
N ILE A 100 -0.04 -12.93 0.85
CA ILE A 100 0.85 -12.57 -0.24
C ILE A 100 2.00 -13.59 -0.39
N LYS A 101 2.61 -13.97 0.73
CA LYS A 101 3.72 -14.93 0.73
C LYS A 101 3.30 -16.31 0.29
N ARG A 102 2.10 -16.72 0.69
CA ARG A 102 1.62 -18.03 0.27
C ARG A 102 1.43 -18.06 -1.24
N VAL A 103 0.79 -17.02 -1.76
CA VAL A 103 0.41 -16.99 -3.17
C VAL A 103 1.67 -16.95 -4.03
N LYS A 104 2.71 -16.34 -3.52
CA LYS A 104 3.92 -16.16 -4.32
C LYS A 104 4.97 -17.19 -3.92
N ASP A 105 4.64 -18.01 -2.94
CA ASP A 105 5.48 -19.14 -2.56
C ASP A 105 6.88 -18.64 -2.23
N SER A 106 6.97 -17.39 -1.79
CA SER A 106 8.25 -16.82 -1.43
C SER A 106 8.19 -16.20 -0.05
N ASP A 107 9.31 -16.26 0.66
CA ASP A 107 9.60 -15.18 1.58
C ASP A 107 9.97 -14.07 0.59
N ASP A 108 10.54 -12.99 1.08
CA ASP A 108 11.28 -12.09 0.20
C ASP A 108 10.41 -11.43 -0.89
N VAL A 109 9.19 -11.03 -0.54
CA VAL A 109 8.32 -10.35 -1.49
C VAL A 109 8.46 -8.85 -1.27
N PRO A 110 8.64 -8.07 -2.34
CA PRO A 110 8.71 -6.64 -2.09
C PRO A 110 7.40 -6.09 -1.47
N MET A 111 7.52 -5.39 -0.35
CA MET A 111 6.38 -4.79 0.37
C MET A 111 6.81 -3.46 1.10
N VAL A 112 5.89 -2.50 1.23
CA VAL A 112 6.05 -1.38 2.16
C VAL A 112 4.83 -1.34 3.11
N LEU A 113 5.08 -1.43 4.43
CA LEU A 113 4.07 -1.23 5.47
C LEU A 113 3.81 0.28 5.58
N VAL A 114 2.56 0.73 5.43
CA VAL A 114 2.13 2.14 5.23
C VAL A 114 1.11 2.43 6.34
N GLY A 115 1.53 3.25 7.33
CA GLY A 115 0.57 3.71 8.31
C GLY A 115 -0.03 5.03 7.83
N ASN A 116 -1.29 5.05 7.45
CA ASN A 116 -1.92 6.25 6.90
C ASN A 116 -2.78 7.00 7.94
N LYS A 117 -3.21 8.19 7.55
CA LYS A 117 -4.03 9.13 8.34
C LYS A 117 -3.24 9.82 9.45
N SER A 118 -1.99 10.14 9.17
CA SER A 118 -1.13 10.77 10.14
C SER A 118 -1.53 12.19 10.55
N ASP A 119 -2.39 12.85 9.77
CA ASP A 119 -2.92 14.18 10.12
C ASP A 119 -4.04 14.21 11.17
N LEU A 120 -4.45 13.04 11.64
CA LEU A 120 -5.52 12.96 12.64
C LEU A 120 -4.86 12.72 14.00
N ALA A 121 -5.35 13.40 15.04
CA ALA A 121 -4.86 13.18 16.41
C ALA A 121 -5.47 11.94 17.02
N ALA A 122 -5.17 11.65 18.28
CA ALA A 122 -5.69 10.46 18.95
C ALA A 122 -5.35 9.17 18.17
N ARG A 123 -4.13 9.05 17.67
CA ARG A 123 -3.75 7.80 17.04
C ARG A 123 -3.82 6.67 18.07
N THR A 124 -4.22 5.48 17.62
CA THR A 124 -4.37 4.34 18.55
C THR A 124 -3.29 3.29 18.31
N VAL A 125 -2.82 3.24 17.07
CA VAL A 125 -1.71 2.38 16.71
C VAL A 125 -0.47 3.18 17.03
N GLU A 126 0.38 2.59 17.88
CA GLU A 126 1.62 3.23 18.29
C GLU A 126 2.65 3.20 17.19
N SER A 127 3.18 4.37 16.87
CA SER A 127 4.16 4.55 15.81
C SER A 127 5.33 3.55 15.88
N ARG A 128 5.91 3.38 17.08
CA ARG A 128 6.97 2.35 17.27
C ARG A 128 6.39 0.92 17.19
N GLN A 129 5.11 0.77 17.47
CA GLN A 129 4.46 -0.52 17.30
C GLN A 129 4.60 -0.97 15.86
N ALA A 130 4.32 -0.05 14.93
CA ALA A 130 4.41 -0.38 13.48
C ALA A 130 5.87 -0.56 13.05
N GLN A 131 6.74 0.21 13.65
CA GLN A 131 8.17 0.13 13.33
C GLN A 131 8.71 -1.22 13.73
N ASP A 132 8.32 -1.66 14.92
CA ASP A 132 8.75 -2.97 15.41
C ASP A 132 8.20 -4.06 14.50
N LEU A 133 6.96 -3.93 14.07
CA LEU A 133 6.40 -4.90 13.13
C LEU A 133 7.06 -4.84 11.76
N ALA A 134 7.38 -3.65 11.28
CA ALA A 134 8.03 -3.61 9.97
C ALA A 134 9.43 -4.18 10.08
N ARG A 135 10.13 -3.86 11.16
CA ARG A 135 11.45 -4.45 11.35
C ARG A 135 11.27 -5.99 11.20
N SER A 136 10.23 -6.53 11.85
CA SER A 136 10.12 -7.98 11.99
C SER A 136 9.80 -8.69 10.69
N TYR A 137 9.23 -7.93 9.75
CA TYR A 137 8.92 -8.44 8.43
C TYR A 137 10.03 -8.20 7.42
N GLY A 138 11.02 -7.39 7.79
CA GLY A 138 12.09 -7.06 6.85
C GLY A 138 11.65 -6.17 5.71
N ILE A 139 10.81 -5.18 6.01
CA ILE A 139 10.21 -4.22 5.03
C ILE A 139 10.23 -2.78 5.58
N PRO A 140 10.23 -1.79 4.67
CA PRO A 140 10.07 -0.37 5.10
C PRO A 140 8.73 -0.04 5.73
N TYR A 141 8.73 0.85 6.75
CA TYR A 141 7.52 1.49 7.30
C TYR A 141 7.52 2.99 7.00
N ILE A 142 6.39 3.49 6.50
CA ILE A 142 6.17 4.88 6.07
C ILE A 142 4.78 5.35 6.52
N GLU A 143 4.74 6.43 7.29
CA GLU A 143 3.48 7.08 7.64
C GLU A 143 3.11 8.16 6.62
N THR A 144 1.88 8.07 6.16
CA THR A 144 1.40 9.00 5.16
C THR A 144 0.30 9.84 5.79
N SER A 145 0.01 10.96 5.16
CA SER A 145 -1.32 11.56 5.21
C SER A 145 -1.73 11.76 3.75
N ALA A 146 -2.72 11.01 3.29
CA ALA A 146 -3.26 11.14 1.92
C ALA A 146 -4.01 12.43 1.70
N LYS A 147 -4.46 13.04 2.80
CA LYS A 147 -5.21 14.28 2.77
C LYS A 147 -4.29 15.43 2.42
N THR A 148 -3.12 15.45 3.08
CA THR A 148 -2.15 16.55 2.94
C THR A 148 -1.01 16.26 1.94
N ARG A 149 -0.99 15.02 1.44
CA ARG A 149 0.03 14.48 0.52
C ARG A 149 1.34 14.12 1.26
N GLN A 150 1.37 14.30 2.57
CA GLN A 150 2.54 13.89 3.34
C GLN A 150 2.85 12.40 3.11
N GLY A 151 4.10 12.09 2.73
CA GLY A 151 4.56 10.71 2.65
C GLY A 151 4.06 9.94 1.43
N VAL A 152 3.11 10.50 0.71
CA VAL A 152 2.53 9.75 -0.39
C VAL A 152 3.66 9.31 -1.34
N GLU A 153 4.16 10.23 -2.15
CA GLU A 153 5.23 9.90 -3.07
C GLU A 153 6.26 8.96 -2.45
N ASP A 154 6.74 9.27 -1.25
CA ASP A 154 7.77 8.46 -0.57
C ASP A 154 7.27 7.02 -0.48
N ALA A 155 5.99 6.83 -0.13
CA ALA A 155 5.46 5.47 0.00
C ALA A 155 5.60 4.70 -1.29
N PHE A 156 5.07 5.25 -2.38
CA PHE A 156 5.08 4.54 -3.66
C PHE A 156 6.52 4.33 -4.20
N TYR A 157 7.43 5.26 -3.82
CA TYR A 157 8.82 5.20 -4.36
C TYR A 157 9.73 4.25 -3.53
N THR A 158 9.54 4.15 -2.23
CA THR A 158 10.27 3.14 -1.45
C THR A 158 9.80 1.73 -1.94
N LEU A 159 8.52 1.58 -2.32
CA LEU A 159 8.01 0.37 -3.03
C LEU A 159 8.67 0.12 -4.38
N VAL A 160 8.75 1.13 -5.25
CA VAL A 160 9.51 0.99 -6.48
C VAL A 160 10.95 0.57 -6.21
N ARG A 161 11.60 1.28 -5.30
CA ARG A 161 12.96 0.90 -4.89
C ARG A 161 13.06 -0.52 -4.34
N GLU A 162 12.05 -0.94 -3.59
CA GLU A 162 12.05 -2.33 -3.07
C GLU A 162 12.05 -3.36 -4.18
N ILE A 163 11.18 -3.18 -5.17
CA ILE A 163 11.14 -4.12 -6.28
C ILE A 163 12.54 -4.25 -6.93
N ARG A 164 13.19 -3.12 -7.12
CA ARG A 164 14.52 -3.13 -7.72
C ARG A 164 15.50 -4.06 -6.98
N GLN A 165 15.33 -4.13 -5.67
CA GLN A 165 16.28 -4.81 -4.80
C GLN A 165 15.82 -6.22 -4.47
N HIS A 166 14.98 -6.78 -5.36
CA HIS A 166 14.46 -8.15 -5.26
C HIS A 166 15.10 -9.07 -6.27
#